data_3KD6
#
_entry.id   3KD6
#
_cell.length_a   55.014
_cell.length_b   89.797
_cell.length_c   64.827
_cell.angle_alpha   90.00
_cell.angle_beta   92.90
_cell.angle_gamma   90.00
#
_symmetry.space_group_name_H-M   'P 1 21 1'
#
loop_
_entity.id
_entity.type
_entity.pdbx_description
1 polymer 'Carbohydrate kinase, PfkB family'
2 non-polymer 'ADENOSINE MONOPHOSPHATE'
3 non-polymer GLYCEROL
4 water water
#
_entity_poly.entity_id   1
_entity_poly.type   'polypeptide(L)'
_entity_poly.pdbx_seq_one_letter_code
;(MSE)SLSLLVIGSLAFDDIETPFGRSDNTLGGSSTYIALSASYFTDEPIR(MSE)VGVVGSDFGKEHFDLLHAKNIDTR
GIQVIEDGKTFRWAGRYHYD(MSE)NTRDTLDTQLNVFAEFDPHVPQYYRDSKFVCLGNIDPELQLKVLDQIDDPKLVVC
DT(MSE)NFWIEGKPEELKKVLARVDVFIVNDSEARLLSGDPNLVKTARIIRE(MSE)GPKTLIIKKGEHGALLFTDNGI
FAAPAFPLESIYDPTGAGDTFAGGFIGHLARCGNTSEAE(MSE)RKAVLYGSA(MSE)ASFCVEQFGPYRYNDLDLLEVD
DRYQSFLELSRIEEGHHHHHH
;
_entity_poly.pdbx_strand_id   A,B
#
# COMPACT_ATOMS: atom_id res chain seq x y z
N LEU A 3 13.34 6.01 -7.69
CA LEU A 3 12.16 6.74 -7.15
C LEU A 3 12.55 7.37 -5.81
N SER A 4 13.83 7.74 -5.69
CA SER A 4 14.34 8.35 -4.46
C SER A 4 13.65 9.69 -4.21
N LEU A 5 13.38 9.98 -2.94
CA LEU A 5 12.72 11.23 -2.56
C LEU A 5 13.49 11.96 -1.46
N LEU A 6 13.77 13.23 -1.70
CA LEU A 6 14.48 14.06 -0.73
C LEU A 6 13.51 15.12 -0.22
N VAL A 7 13.46 15.27 1.11
CA VAL A 7 12.56 16.26 1.70
C VAL A 7 13.33 17.35 2.45
N ILE A 8 12.93 18.58 2.18
CA ILE A 8 13.52 19.76 2.81
C ILE A 8 12.35 20.50 3.43
N GLY A 9 12.64 21.23 4.51
CA GLY A 9 11.58 21.98 5.17
C GLY A 9 11.95 22.20 6.62
N SER A 10 11.01 22.70 7.40
CA SER A 10 11.27 22.93 8.81
C SER A 10 11.03 21.70 9.65
N LEU A 11 11.76 21.63 10.75
CA LEU A 11 11.63 20.56 11.72
C LEU A 11 11.45 21.44 12.94
N ALA A 12 10.38 21.24 13.70
CA ALA A 12 10.15 22.13 14.83
C ALA A 12 9.23 21.64 15.92
N PHE A 13 8.96 22.55 16.86
CA PHE A 13 8.06 22.30 17.96
C PHE A 13 7.00 23.38 17.88
N ASP A 14 5.72 22.98 17.91
CA ASP A 14 4.64 23.94 17.81
C ASP A 14 3.76 24.02 19.05
N ASP A 15 3.31 25.23 19.36
CA ASP A 15 2.38 25.42 20.45
C ASP A 15 1.11 25.72 19.66
N ILE A 16 0.23 24.72 19.61
CA ILE A 16 -1.01 24.78 18.86
C ILE A 16 -2.24 25.02 19.73
N GLU A 17 -3.08 25.94 19.30
CA GLU A 17 -4.29 26.27 20.03
C GLU A 17 -5.52 26.34 19.13
N THR A 18 -6.61 25.71 19.57
CA THR A 18 -7.88 25.75 18.85
C THR A 18 -8.88 26.16 19.93
N PRO A 19 -10.13 26.45 19.54
CA PRO A 19 -11.15 26.85 20.51
C PRO A 19 -11.49 25.71 21.48
N PHE A 20 -11.09 24.51 21.13
CA PHE A 20 -11.41 23.34 21.94
C PHE A 20 -10.27 22.77 22.79
N GLY A 21 -9.04 23.02 22.40
CA GLY A 21 -7.92 22.52 23.17
C GLY A 21 -6.58 23.05 22.70
N ARG A 22 -5.51 22.50 23.26
CA ARG A 22 -4.17 22.92 22.89
C ARG A 22 -3.16 21.79 22.99
N SER A 23 -2.00 22.03 22.40
CA SER A 23 -0.90 21.08 22.42
C SER A 23 0.37 21.90 22.28
N ASP A 24 1.17 21.92 23.34
CA ASP A 24 2.41 22.69 23.33
C ASP A 24 3.61 21.79 23.15
N ASN A 25 4.70 22.37 22.66
CA ASN A 25 5.93 21.62 22.44
C ASN A 25 5.62 20.39 21.58
N THR A 26 4.74 20.57 20.58
CA THR A 26 4.34 19.49 19.70
C THR A 26 5.33 19.32 18.54
N LEU A 27 5.72 18.07 18.26
CA LEU A 27 6.63 17.84 17.15
C LEU A 27 5.94 18.36 15.89
N GLY A 28 6.67 19.09 15.07
CA GLY A 28 6.08 19.63 13.85
C GLY A 28 7.13 20.00 12.81
N GLY A 29 6.80 20.99 11.99
CA GLY A 29 7.71 21.41 10.94
C GLY A 29 7.22 20.83 9.63
N SER A 30 7.33 21.61 8.55
CA SER A 30 6.86 21.15 7.25
C SER A 30 7.49 19.87 6.73
N SER A 31 8.78 19.65 6.99
CA SER A 31 9.42 18.43 6.49
C SER A 31 8.95 17.20 7.28
N THR A 32 8.63 17.41 8.55
CA THR A 32 8.17 16.31 9.40
C THR A 32 6.87 15.76 8.82
N TYR A 33 5.92 16.65 8.54
CA TYR A 33 4.63 16.26 7.99
C TYR A 33 4.78 15.67 6.59
N ILE A 34 5.60 16.32 5.76
CA ILE A 34 5.82 15.82 4.41
C ILE A 34 6.42 14.42 4.40
N ALA A 35 7.47 14.23 5.21
CA ALA A 35 8.14 12.93 5.27
C ALA A 35 7.27 11.82 5.84
N LEU A 36 6.55 12.08 6.91
CA LEU A 36 5.71 11.05 7.52
C LEU A 36 4.64 10.57 6.54
N SER A 37 4.07 11.50 5.79
CA SER A 37 3.04 11.16 4.83
C SER A 37 3.63 10.43 3.62
N ALA A 38 4.72 10.96 3.09
CA ALA A 38 5.37 10.36 1.94
C ALA A 38 5.87 8.94 2.23
N SER A 39 6.25 8.69 3.48
CA SER A 39 6.76 7.36 3.87
C SER A 39 5.77 6.24 3.59
N TYR A 40 4.50 6.56 3.47
CA TYR A 40 3.49 5.56 3.19
C TYR A 40 3.51 5.15 1.72
N PHE A 41 4.34 5.84 0.92
CA PHE A 41 4.41 5.56 -0.51
C PHE A 41 5.74 5.02 -1.03
N THR A 42 6.83 5.34 -0.34
CA THR A 42 8.14 4.88 -0.79
C THR A 42 8.54 3.52 -0.24
N ASP A 43 9.35 2.80 -0.99
CA ASP A 43 9.81 1.49 -0.57
C ASP A 43 11.19 1.69 0.07
N GLU A 44 11.88 2.74 -0.37
CA GLU A 44 13.20 3.06 0.15
C GLU A 44 13.08 4.24 1.12
N PRO A 45 14.09 4.41 2.00
CA PRO A 45 14.07 5.50 2.98
C PRO A 45 13.95 6.91 2.39
N ILE A 46 13.06 7.69 2.97
CA ILE A 46 12.87 9.07 2.57
C ILE A 46 14.09 9.81 3.10
N ARG A 47 14.65 10.70 2.28
CA ARG A 47 15.83 11.44 2.66
C ARG A 47 15.49 12.82 3.20
N VAL A 49 16.95 16.61 4.74
CA VAL A 49 18.01 17.59 4.96
C VAL A 49 17.37 18.71 5.78
N GLY A 50 17.96 19.01 6.92
CA GLY A 50 17.43 20.07 7.76
C GLY A 50 18.35 20.27 8.95
N VAL A 51 17.85 20.93 9.99
CA VAL A 51 18.65 21.15 11.19
C VAL A 51 17.76 21.29 12.41
N VAL A 52 18.24 20.78 13.54
CA VAL A 52 17.52 20.87 14.79
C VAL A 52 18.50 21.26 15.89
N GLY A 53 17.97 21.58 17.06
CA GLY A 53 18.81 21.96 18.18
C GLY A 53 19.07 20.75 19.07
N SER A 54 19.78 20.97 20.17
CA SER A 54 20.08 19.89 21.09
C SER A 54 18.84 19.50 21.87
N ASP A 55 17.80 20.33 21.78
CA ASP A 55 16.55 20.07 22.48
C ASP A 55 15.66 19.08 21.74
N PHE A 56 16.02 18.75 20.50
CA PHE A 56 15.26 17.79 19.69
C PHE A 56 15.55 16.39 20.23
N GLY A 57 14.69 15.93 21.14
CA GLY A 57 14.87 14.62 21.74
C GLY A 57 14.96 13.44 20.78
N LYS A 58 15.55 12.35 21.24
CA LYS A 58 15.70 11.16 20.43
C LYS A 58 14.36 10.47 20.20
N GLU A 59 13.37 10.78 21.03
CA GLU A 59 12.06 10.18 20.86
C GLU A 59 11.51 10.63 19.51
N HIS A 60 11.85 11.87 19.14
CA HIS A 60 11.40 12.43 17.88
C HIS A 60 12.14 11.78 16.72
N PHE A 61 13.43 11.48 16.94
CA PHE A 61 14.22 10.82 15.90
C PHE A 61 13.71 9.39 15.74
N ASP A 62 13.33 8.75 16.85
CA ASP A 62 12.81 7.39 16.79
C ASP A 62 11.47 7.33 16.04
N LEU A 63 10.72 8.41 16.10
CA LEU A 63 9.43 8.47 15.42
C LEU A 63 9.66 8.40 13.91
N LEU A 64 10.62 9.19 13.44
CA LEU A 64 10.95 9.24 12.02
C LEU A 64 11.54 7.91 11.56
N HIS A 65 12.46 7.37 12.35
CA HIS A 65 13.10 6.11 11.99
C HIS A 65 12.11 4.96 11.97
N ALA A 66 11.04 5.08 12.73
CA ALA A 66 10.01 4.04 12.78
C ALA A 66 9.26 4.00 11.45
N LYS A 67 9.31 5.11 10.71
CA LYS A 67 8.65 5.18 9.42
C LYS A 67 9.69 5.00 8.32
N ASN A 68 10.86 4.51 8.74
CA ASN A 68 11.96 4.24 7.83
C ASN A 68 12.46 5.50 7.10
N ILE A 69 12.54 6.61 7.82
CA ILE A 69 13.00 7.86 7.26
C ILE A 69 14.50 8.04 7.54
N ASP A 70 15.25 8.40 6.50
CA ASP A 70 16.69 8.60 6.60
C ASP A 70 17.00 10.01 7.09
N THR A 71 17.52 10.11 8.30
CA THR A 71 17.83 11.41 8.88
C THR A 71 19.31 11.81 8.85
N ARG A 72 20.12 11.14 8.05
CA ARG A 72 21.54 11.49 7.98
C ARG A 72 21.77 12.92 7.53
N GLY A 73 20.82 13.49 6.79
CA GLY A 73 20.96 14.86 6.32
C GLY A 73 20.51 15.91 7.32
N ILE A 74 20.17 15.49 8.53
CA ILE A 74 19.73 16.44 9.56
C ILE A 74 20.88 16.78 10.51
N GLN A 75 21.21 18.06 10.56
CA GLN A 75 22.27 18.56 11.43
C GLN A 75 21.70 18.87 12.81
N VAL A 76 22.51 18.62 13.84
CA VAL A 76 22.13 18.91 15.21
C VAL A 76 23.12 19.96 15.71
N ILE A 77 22.62 21.14 16.03
CA ILE A 77 23.47 22.22 16.50
C ILE A 77 23.58 22.18 18.02
N GLU A 78 24.78 21.88 18.53
CA GLU A 78 24.96 21.82 19.97
C GLU A 78 24.63 23.19 20.57
N ASP A 79 23.84 23.16 21.64
CA ASP A 79 23.38 24.37 22.33
C ASP A 79 22.46 25.28 21.51
N GLY A 80 22.17 24.86 20.28
CA GLY A 80 21.27 25.64 19.45
C GLY A 80 19.85 25.25 19.83
N LYS A 81 18.86 26.02 19.39
CA LYS A 81 17.46 25.71 19.71
C LYS A 81 16.66 25.35 18.47
N THR A 82 15.77 24.37 18.63
CA THR A 82 14.92 23.92 17.54
C THR A 82 13.90 24.98 17.12
N PHE A 83 13.65 25.07 15.81
CA PHE A 83 12.69 26.01 15.24
C PHE A 83 11.40 25.93 16.07
N ARG A 84 10.79 27.07 16.37
CA ARG A 84 9.55 27.10 17.15
C ARG A 84 8.47 27.91 16.45
N TRP A 85 7.22 27.49 16.63
CA TRP A 85 6.08 28.16 16.03
C TRP A 85 4.84 28.05 16.91
N ALA A 86 4.05 29.12 16.94
CA ALA A 86 2.82 29.15 17.72
C ALA A 86 1.69 29.57 16.78
N GLY A 87 0.60 28.80 16.78
CA GLY A 87 -0.51 29.11 15.91
C GLY A 87 -1.85 28.98 16.62
N ARG A 88 -2.82 29.77 16.17
CA ARG A 88 -4.15 29.75 16.76
C ARG A 88 -5.26 29.61 15.73
N TYR A 89 -6.10 28.60 15.90
CA TYR A 89 -7.22 28.37 15.00
C TYR A 89 -8.50 28.89 15.62
N HIS A 90 -9.56 28.93 14.84
CA HIS A 90 -10.84 29.43 15.32
C HIS A 90 -11.98 28.48 15.00
N TYR A 91 -13.21 28.98 15.13
CA TYR A 91 -14.37 28.13 14.91
C TYR A 91 -14.60 27.56 13.51
N ASP A 92 -13.94 28.15 12.52
CA ASP A 92 -14.04 27.66 11.15
C ASP A 92 -13.09 26.48 10.96
N ASN A 94 -9.94 26.08 10.15
CA ASN A 94 -9.20 26.09 8.90
C ASN A 94 -8.15 27.20 8.91
N THR A 95 -8.60 28.45 9.01
CA THR A 95 -7.69 29.59 9.04
C THR A 95 -6.98 29.65 10.39
N ARG A 96 -5.89 30.42 10.46
CA ARG A 96 -5.17 30.52 11.73
C ARG A 96 -4.29 31.75 11.81
N ASP A 97 -3.92 32.12 13.03
CA ASP A 97 -3.04 33.25 13.25
C ASP A 97 -1.70 32.69 13.70
N THR A 98 -0.62 33.26 13.18
CA THR A 98 0.71 32.86 13.60
C THR A 98 1.00 33.80 14.77
N LEU A 99 1.11 33.24 15.96
CA LEU A 99 1.37 34.02 17.15
C LEU A 99 2.85 34.29 17.35
N ASP A 100 3.68 33.34 16.94
CA ASP A 100 5.12 33.46 17.09
C ASP A 100 5.88 32.59 16.10
N THR A 101 7.04 33.07 15.67
CA THR A 101 7.89 32.33 14.75
C THR A 101 9.34 32.62 15.12
N GLN A 102 10.04 31.59 15.58
CA GLN A 102 11.45 31.72 15.95
C GLN A 102 12.26 30.77 15.07
N LEU A 103 12.90 31.34 14.04
CA LEU A 103 13.69 30.54 13.11
C LEU A 103 14.77 29.74 13.84
N ASN A 104 15.36 30.35 14.86
CA ASN A 104 16.42 29.72 15.64
C ASN A 104 17.50 29.11 14.73
N VAL A 105 17.82 27.84 14.93
CA VAL A 105 18.84 27.17 14.14
C VAL A 105 18.70 27.31 12.62
N PHE A 106 17.49 27.55 12.14
CA PHE A 106 17.27 27.70 10.69
C PHE A 106 17.65 29.09 10.18
N ALA A 107 17.89 30.02 11.10
CA ALA A 107 18.26 31.38 10.72
C ALA A 107 19.68 31.42 10.16
N GLU A 108 20.55 30.61 10.76
CA GLU A 108 21.95 30.53 10.35
C GLU A 108 22.23 29.18 9.68
N PHE A 109 21.19 28.56 9.13
CA PHE A 109 21.36 27.25 8.52
C PHE A 109 22.14 27.17 7.21
N ASP A 110 23.06 26.21 7.17
CA ASP A 110 23.89 25.94 6.00
C ASP A 110 23.39 24.62 5.40
N PRO A 111 22.33 24.68 4.59
CA PRO A 111 21.72 23.51 3.96
C PRO A 111 22.62 22.66 3.07
N HIS A 112 23.57 21.95 3.67
CA HIS A 112 24.45 21.10 2.90
C HIS A 112 23.76 19.76 2.62
N VAL A 113 23.66 19.40 1.35
CA VAL A 113 23.05 18.13 0.98
C VAL A 113 24.22 17.16 0.86
N PRO A 114 24.23 16.10 1.66
CA PRO A 114 25.35 15.15 1.55
C PRO A 114 25.40 14.51 0.17
N GLN A 115 26.62 14.23 -0.29
CA GLN A 115 26.85 13.63 -1.60
C GLN A 115 25.91 12.48 -1.92
N TYR A 116 25.63 11.62 -0.93
CA TYR A 116 24.75 10.49 -1.16
C TYR A 116 23.27 10.83 -1.29
N TYR A 117 22.95 12.13 -1.34
CA TYR A 117 21.58 12.61 -1.49
C TYR A 117 21.45 13.40 -2.79
N ARG A 118 22.59 13.75 -3.40
CA ARG A 118 22.56 14.55 -4.62
C ARG A 118 21.93 13.90 -5.84
N ASP A 119 21.76 12.59 -5.83
CA ASP A 119 21.16 11.91 -6.98
C ASP A 119 19.66 11.70 -6.79
N SER A 120 19.08 12.39 -5.82
CA SER A 120 17.66 12.28 -5.54
C SER A 120 16.83 12.67 -6.77
N LYS A 121 15.86 11.83 -7.13
CA LYS A 121 15.00 12.06 -8.29
C LYS A 121 13.80 12.96 -7.99
N PHE A 122 13.18 12.77 -6.83
CA PHE A 122 12.05 13.59 -6.45
C PHE A 122 12.46 14.48 -5.29
N VAL A 123 12.32 15.78 -5.48
CA VAL A 123 12.69 16.76 -4.48
C VAL A 123 11.48 17.57 -4.03
N CYS A 124 11.23 17.58 -2.73
CA CYS A 124 10.12 18.34 -2.18
C CYS A 124 10.69 19.50 -1.37
N LEU A 125 10.59 20.70 -1.92
CA LEU A 125 11.09 21.89 -1.25
C LEU A 125 9.98 22.39 -0.34
N GLY A 126 9.89 21.78 0.84
CA GLY A 126 8.87 22.16 1.78
C GLY A 126 9.05 23.57 2.31
N ASN A 127 7.98 24.08 2.90
CA ASN A 127 7.96 25.41 3.47
C ASN A 127 9.17 25.70 4.34
N ILE A 128 9.94 26.69 3.91
CA ILE A 128 11.15 27.16 4.58
C ILE A 128 11.64 28.35 3.76
N ASP A 129 12.57 29.13 4.30
CA ASP A 129 13.11 30.30 3.61
C ASP A 129 13.43 29.97 2.14
N PRO A 130 12.88 30.76 1.19
CA PRO A 130 13.13 30.49 -0.24
C PRO A 130 14.62 30.47 -0.63
N GLU A 131 15.46 31.17 0.12
CA GLU A 131 16.88 31.19 -0.18
C GLU A 131 17.51 29.83 0.14
N LEU A 132 16.95 29.13 1.14
CA LEU A 132 17.45 27.81 1.50
C LEU A 132 16.91 26.82 0.48
N GLN A 133 15.64 26.98 0.12
CA GLN A 133 15.02 26.10 -0.85
C GLN A 133 15.86 26.12 -2.11
N LEU A 134 16.31 27.30 -2.50
CA LEU A 134 17.12 27.46 -3.69
C LEU A 134 18.51 26.83 -3.52
N LYS A 135 19.13 27.07 -2.37
CA LYS A 135 20.45 26.50 -2.11
C LYS A 135 20.46 24.98 -2.19
N VAL A 136 19.37 24.37 -1.75
CA VAL A 136 19.25 22.91 -1.78
C VAL A 136 19.10 22.47 -3.23
N LEU A 137 18.12 23.05 -3.93
CA LEU A 137 17.87 22.70 -5.32
C LEU A 137 19.16 22.74 -6.15
N ASP A 138 19.99 23.75 -5.93
CA ASP A 138 21.25 23.90 -6.65
C ASP A 138 22.21 22.74 -6.43
N GLN A 139 21.99 21.96 -5.39
CA GLN A 139 22.87 20.83 -5.08
C GLN A 139 22.40 19.50 -5.63
N ILE A 140 21.20 19.45 -6.17
CA ILE A 140 20.66 18.22 -6.75
C ILE A 140 21.06 18.20 -8.22
N ASP A 141 21.71 17.13 -8.63
CA ASP A 141 22.20 17.01 -10.00
C ASP A 141 21.21 16.79 -11.13
N ASP A 142 20.29 15.84 -10.97
CA ASP A 142 19.34 15.56 -12.04
C ASP A 142 17.97 15.15 -11.51
N PRO A 143 17.21 16.13 -10.97
CA PRO A 143 15.88 15.85 -10.43
C PRO A 143 14.87 15.62 -11.54
N LYS A 144 13.99 14.65 -11.33
CA LYS A 144 12.95 14.34 -12.30
C LYS A 144 11.72 15.21 -12.04
N LEU A 145 11.54 15.61 -10.79
CA LEU A 145 10.39 16.43 -10.41
C LEU A 145 10.67 17.22 -9.13
N VAL A 146 10.45 18.53 -9.19
CA VAL A 146 10.65 19.42 -8.06
C VAL A 146 9.30 19.96 -7.62
N VAL A 147 8.92 19.66 -6.38
CA VAL A 147 7.65 20.13 -5.84
C VAL A 147 7.99 21.13 -4.76
N CYS A 148 7.14 22.15 -4.61
CA CYS A 148 7.41 23.18 -3.63
C CYS A 148 6.18 23.82 -3.01
N ASP A 149 6.31 24.23 -1.76
CA ASP A 149 5.23 24.96 -1.09
C ASP A 149 5.89 26.02 -0.22
N THR A 150 5.12 27.04 0.16
CA THR A 150 5.69 28.14 0.93
C THR A 150 4.78 28.55 2.08
N ASN A 152 2.76 32.39 3.95
CA ASN A 152 2.57 33.83 3.94
C ASN A 152 3.82 34.56 4.45
N PHE A 153 4.46 33.97 5.45
CA PHE A 153 5.67 34.52 6.07
C PHE A 153 6.71 34.87 5.00
N TRP A 154 6.91 33.95 4.05
CA TRP A 154 7.89 34.16 2.99
C TRP A 154 7.31 34.94 1.81
N ILE A 155 6.02 34.78 1.56
CA ILE A 155 5.38 35.50 0.45
C ILE A 155 5.46 36.99 0.74
N GLU A 156 5.36 37.36 2.02
CA GLU A 156 5.41 38.76 2.43
C GLU A 156 6.83 39.19 2.80
N GLY A 157 7.60 38.27 3.36
CA GLY A 157 8.94 38.60 3.78
C GLY A 157 10.01 38.57 2.71
N LYS A 158 9.92 37.61 1.79
CA LYS A 158 10.93 37.50 0.75
C LYS A 158 10.34 37.15 -0.63
N PRO A 159 9.54 38.08 -1.18
CA PRO A 159 8.88 37.96 -2.48
C PRO A 159 9.81 37.60 -3.62
N GLU A 160 10.84 38.43 -3.81
CA GLU A 160 11.81 38.25 -4.88
C GLU A 160 12.53 36.91 -4.80
N GLU A 161 12.94 36.50 -3.61
CA GLU A 161 13.63 35.23 -3.42
C GLU A 161 12.67 34.09 -3.77
N LEU A 162 11.42 34.21 -3.33
CA LEU A 162 10.43 33.19 -3.61
C LEU A 162 10.24 33.06 -5.12
N LYS A 163 10.11 34.18 -5.82
CA LYS A 163 9.92 34.13 -7.26
C LYS A 163 11.08 33.46 -7.97
N LYS A 164 12.27 33.54 -7.37
CA LYS A 164 13.44 32.90 -7.94
C LYS A 164 13.27 31.40 -7.90
N VAL A 165 12.77 30.88 -6.77
CA VAL A 165 12.56 29.45 -6.65
C VAL A 165 11.38 28.98 -7.49
N LEU A 166 10.34 29.81 -7.58
CA LEU A 166 9.16 29.45 -8.35
C LEU A 166 9.50 29.28 -9.83
N ALA A 167 10.50 30.02 -10.29
CA ALA A 167 10.92 29.94 -11.68
C ALA A 167 11.58 28.60 -12.02
N ARG A 168 11.97 27.85 -10.99
CA ARG A 168 12.62 26.57 -11.19
C ARG A 168 11.92 25.34 -10.59
N VAL A 169 10.60 25.43 -10.40
CA VAL A 169 9.87 24.29 -9.84
C VAL A 169 8.84 23.76 -10.83
N ASP A 170 8.56 22.47 -10.74
CA ASP A 170 7.59 21.85 -11.63
C ASP A 170 6.19 21.94 -11.03
N VAL A 171 6.10 21.73 -9.73
CA VAL A 171 4.80 21.77 -9.06
C VAL A 171 4.82 22.71 -7.87
N PHE A 172 3.87 23.63 -7.84
CA PHE A 172 3.77 24.58 -6.75
C PHE A 172 2.45 24.30 -6.03
N ILE A 173 2.52 24.10 -4.70
CA ILE A 173 1.33 23.82 -3.90
C ILE A 173 1.06 24.96 -2.90
N VAL A 174 -0.15 25.50 -2.93
CA VAL A 174 -0.53 26.58 -2.03
C VAL A 174 -1.95 26.41 -1.54
N ASN A 175 -2.32 27.07 -0.45
CA ASN A 175 -3.72 27.01 -0.03
C ASN A 175 -4.38 28.23 -0.67
N ASP A 176 -5.71 28.31 -0.64
CA ASP A 176 -6.37 29.44 -1.29
C ASP A 176 -6.02 30.83 -0.74
N SER A 177 -5.68 30.91 0.54
CA SER A 177 -5.33 32.22 1.11
C SER A 177 -4.00 32.70 0.55
N GLU A 178 -3.01 31.81 0.54
CA GLU A 178 -1.68 32.13 0.03
C GLU A 178 -1.79 32.50 -1.44
N ALA A 179 -2.59 31.72 -2.17
CA ALA A 179 -2.78 31.94 -3.60
C ALA A 179 -3.29 33.36 -3.88
N ARG A 180 -4.35 33.76 -3.19
CA ARG A 180 -4.90 35.09 -3.40
C ARG A 180 -3.90 36.15 -3.01
N LEU A 181 -3.12 35.87 -1.97
CA LEU A 181 -2.10 36.82 -1.51
C LEU A 181 -1.07 37.01 -2.62
N LEU A 182 -0.70 35.91 -3.27
CA LEU A 182 0.27 35.96 -4.35
C LEU A 182 -0.24 36.62 -5.63
N SER A 183 -1.54 36.49 -5.91
CA SER A 183 -2.08 37.07 -7.14
C SER A 183 -2.66 38.47 -6.98
N GLY A 184 -3.23 38.76 -5.83
CA GLY A 184 -3.82 40.07 -5.62
C GLY A 184 -5.22 40.13 -6.19
N ASP A 185 -5.79 38.98 -6.54
CA ASP A 185 -7.14 38.88 -7.06
C ASP A 185 -7.84 37.68 -6.41
N PRO A 186 -9.08 37.85 -5.94
CA PRO A 186 -9.82 36.75 -5.30
C PRO A 186 -10.24 35.58 -6.16
N ASN A 187 -10.31 35.77 -7.47
CA ASN A 187 -10.73 34.70 -8.38
C ASN A 187 -9.62 33.66 -8.51
N LEU A 188 -9.91 32.44 -8.11
CA LEU A 188 -8.91 31.37 -8.15
C LEU A 188 -8.46 30.96 -9.55
N VAL A 189 -9.36 31.11 -10.54
CA VAL A 189 -9.00 30.76 -11.91
C VAL A 189 -7.95 31.75 -12.41
N LYS A 190 -8.24 33.05 -12.26
CA LYS A 190 -7.30 34.07 -12.69
C LYS A 190 -6.02 33.97 -11.85
N THR A 191 -6.19 33.69 -10.56
CA THR A 191 -5.04 33.55 -9.66
C THR A 191 -4.10 32.46 -10.16
N ALA A 192 -4.67 31.33 -10.58
CA ALA A 192 -3.85 30.23 -11.09
C ALA A 192 -3.03 30.70 -12.28
N ARG A 193 -3.65 31.45 -13.19
CA ARG A 193 -2.92 31.93 -14.35
C ARG A 193 -1.77 32.83 -13.92
N ILE A 194 -2.09 33.81 -13.08
CA ILE A 194 -1.08 34.74 -12.58
C ILE A 194 0.08 33.99 -11.94
N ILE A 195 -0.23 33.02 -11.10
CA ILE A 195 0.81 32.24 -10.43
C ILE A 195 1.61 31.34 -11.37
N ARG A 196 0.93 30.64 -12.29
CA ARG A 196 1.63 29.76 -13.21
C ARG A 196 2.61 30.52 -14.12
N GLU A 197 2.31 31.80 -14.35
CA GLU A 197 3.17 32.64 -15.19
C GLU A 197 4.46 32.98 -14.46
N GLY A 199 6.26 30.77 -13.35
CA GLY A 199 7.10 29.62 -13.63
C GLY A 199 6.48 28.25 -13.55
N PRO A 200 5.92 27.86 -12.38
CA PRO A 200 5.29 26.54 -12.19
C PRO A 200 4.30 26.10 -13.26
N LYS A 201 4.63 25.01 -13.95
CA LYS A 201 3.74 24.47 -14.99
C LYS A 201 2.49 23.88 -14.34
N THR A 202 2.69 23.29 -13.17
CA THR A 202 1.60 22.65 -12.42
C THR A 202 1.37 23.41 -11.12
N LEU A 203 0.11 23.77 -10.85
CA LEU A 203 -0.24 24.47 -9.62
C LEU A 203 -1.38 23.74 -8.94
N ILE A 204 -1.28 23.58 -7.63
CA ILE A 204 -2.32 22.95 -6.85
C ILE A 204 -2.76 23.94 -5.78
N ILE A 205 -4.05 24.25 -5.76
CA ILE A 205 -4.55 25.16 -4.74
C ILE A 205 -5.43 24.30 -3.82
N LYS A 206 -5.00 24.13 -2.57
CA LYS A 206 -5.75 23.33 -1.62
C LYS A 206 -6.56 24.28 -0.75
N LYS A 207 -7.88 24.19 -0.83
CA LYS A 207 -8.74 25.07 -0.06
C LYS A 207 -9.02 24.45 1.30
N GLY A 208 -8.00 24.38 2.14
CA GLY A 208 -8.16 23.76 3.45
C GLY A 208 -8.63 22.34 3.21
N GLU A 209 -9.60 21.88 4.00
CA GLU A 209 -10.13 20.53 3.82
C GLU A 209 -11.40 20.56 2.97
N HIS A 210 -11.55 21.63 2.21
CA HIS A 210 -12.73 21.81 1.36
C HIS A 210 -12.49 21.46 -0.11
N GLY A 211 -11.46 20.68 -0.40
CA GLY A 211 -11.18 20.31 -1.77
C GLY A 211 -9.89 20.92 -2.29
N ALA A 212 -9.42 20.42 -3.42
CA ALA A 212 -8.18 20.92 -4.00
C ALA A 212 -8.34 21.08 -5.51
N LEU A 213 -7.67 22.08 -6.07
CA LEU A 213 -7.74 22.34 -7.49
C LEU A 213 -6.38 22.11 -8.15
N LEU A 214 -6.36 21.29 -9.21
CA LEU A 214 -5.12 21.02 -9.95
C LEU A 214 -5.17 21.77 -11.28
N PHE A 215 -4.21 22.66 -11.48
CA PHE A 215 -4.14 23.47 -12.71
C PHE A 215 -2.93 23.10 -13.56
N THR A 216 -3.17 22.59 -14.77
CA THR A 216 -2.10 22.23 -15.69
C THR A 216 -2.46 22.71 -17.09
N ASP A 217 -1.61 22.39 -18.06
CA ASP A 217 -1.86 22.79 -19.44
C ASP A 217 -3.03 22.01 -20.02
N ASN A 218 -3.38 20.91 -19.37
CA ASN A 218 -4.49 20.07 -19.84
C ASN A 218 -5.84 20.49 -19.28
N GLY A 219 -5.82 21.46 -18.36
CA GLY A 219 -7.08 21.92 -17.78
C GLY A 219 -7.11 21.94 -16.27
N ILE A 220 -8.31 21.98 -15.72
CA ILE A 220 -8.50 22.02 -14.27
C ILE A 220 -9.17 20.75 -13.76
N PHE A 221 -8.66 20.24 -12.63
CA PHE A 221 -9.20 19.06 -11.99
C PHE A 221 -9.60 19.42 -10.57
N ALA A 222 -10.87 19.21 -10.24
CA ALA A 222 -11.37 19.54 -8.91
C ALA A 222 -11.52 18.31 -8.03
N ALA A 223 -10.67 18.18 -7.01
CA ALA A 223 -10.76 17.06 -6.09
C ALA A 223 -11.80 17.45 -5.05
N PRO A 224 -12.84 16.63 -4.89
CA PRO A 224 -13.92 16.87 -3.94
C PRO A 224 -13.46 16.81 -2.48
N ALA A 225 -14.22 17.43 -1.60
CA ALA A 225 -13.91 17.43 -0.19
C ALA A 225 -14.59 16.20 0.41
N PHE A 226 -14.06 15.70 1.51
CA PHE A 226 -14.64 14.54 2.19
C PHE A 226 -15.70 15.14 3.11
N PRO A 227 -16.98 15.01 2.73
CA PRO A 227 -18.15 15.52 3.44
C PRO A 227 -18.12 15.64 4.96
N LEU A 228 -18.00 14.51 5.64
CA LEU A 228 -18.00 14.50 7.10
C LEU A 228 -16.63 14.29 7.73
N GLU A 229 -15.63 15.00 7.23
CA GLU A 229 -14.28 14.86 7.77
C GLU A 229 -14.26 15.39 9.20
N SER A 230 -13.61 14.67 10.10
CA SER A 230 -13.53 15.10 11.48
C SER A 230 -12.26 15.91 11.70
N ILE A 231 -12.39 17.23 11.73
CA ILE A 231 -11.23 18.10 11.90
C ILE A 231 -11.00 18.52 13.35
N TYR A 232 -9.85 18.16 13.90
CA TYR A 232 -9.51 18.49 15.27
C TYR A 232 -8.28 19.41 15.32
N ASP A 233 -7.40 19.28 14.35
CA ASP A 233 -6.21 20.12 14.28
C ASP A 233 -5.70 20.20 12.84
N PRO A 234 -5.93 21.33 12.16
CA PRO A 234 -5.49 21.53 10.78
C PRO A 234 -3.98 21.52 10.57
N THR A 235 -3.21 21.70 11.65
CA THR A 235 -1.76 21.76 11.54
C THR A 235 -1.15 20.60 10.75
N GLY A 236 -0.36 20.94 9.73
CA GLY A 236 0.31 19.94 8.92
C GLY A 236 -0.48 19.39 7.75
N ALA A 237 -1.77 19.72 7.66
CA ALA A 237 -2.61 19.21 6.59
C ALA A 237 -2.07 19.47 5.18
N GLY A 238 -1.67 20.71 4.92
CA GLY A 238 -1.14 21.05 3.61
C GLY A 238 0.16 20.37 3.27
N ASP A 239 0.98 20.13 4.29
CA ASP A 239 2.25 19.47 4.08
C ASP A 239 2.08 17.97 3.97
N THR A 240 1.11 17.39 4.68
CA THR A 240 0.89 15.94 4.55
C THR A 240 0.30 15.73 3.14
N PHE A 241 -0.40 16.75 2.64
CA PHE A 241 -0.98 16.68 1.29
C PHE A 241 0.18 16.58 0.29
N ALA A 242 1.16 17.46 0.46
CA ALA A 242 2.32 17.49 -0.41
C ALA A 242 3.07 16.16 -0.35
N GLY A 243 3.13 15.58 0.84
CA GLY A 243 3.82 14.31 1.02
C GLY A 243 3.15 13.16 0.29
N GLY A 244 1.82 13.10 0.36
CA GLY A 244 1.11 12.04 -0.33
C GLY A 244 1.18 12.26 -1.84
N PHE A 245 1.10 13.53 -2.25
CA PHE A 245 1.15 13.89 -3.65
C PHE A 245 2.49 13.46 -4.26
N ILE A 246 3.60 13.95 -3.74
CA ILE A 246 4.89 13.58 -4.33
C ILE A 246 5.21 12.11 -4.02
N GLY A 247 4.72 11.61 -2.90
CA GLY A 247 4.97 10.23 -2.54
C GLY A 247 4.39 9.33 -3.62
N HIS A 248 3.14 9.58 -4.00
CA HIS A 248 2.52 8.75 -5.02
C HIS A 248 3.31 8.81 -6.33
N LEU A 249 3.65 10.01 -6.78
CA LEU A 249 4.39 10.16 -8.03
C LEU A 249 5.74 9.47 -7.95
N ALA A 250 6.37 9.53 -6.78
CA ALA A 250 7.67 8.88 -6.62
C ALA A 250 7.49 7.37 -6.68
N ARG A 251 6.35 6.90 -6.18
CA ARG A 251 6.09 5.47 -6.16
C ARG A 251 5.82 4.88 -7.55
N CYS A 252 5.05 5.56 -8.37
CA CYS A 252 4.78 5.03 -9.70
C CYS A 252 5.81 5.53 -10.70
N GLY A 253 6.66 6.45 -10.26
CA GLY A 253 7.70 6.99 -11.12
C GLY A 253 7.22 7.72 -12.35
N ASN A 254 5.91 7.73 -12.58
CA ASN A 254 5.32 8.38 -13.74
C ASN A 254 4.75 9.74 -13.34
N THR A 255 5.04 10.78 -14.12
CA THR A 255 4.55 12.12 -13.80
C THR A 255 3.47 12.63 -14.76
N SER A 256 2.78 11.71 -15.43
CA SER A 256 1.73 12.07 -16.38
C SER A 256 0.57 12.82 -15.73
N GLU A 257 -0.35 13.26 -16.57
CA GLU A 257 -1.54 14.00 -16.12
C GLU A 257 -2.40 13.13 -15.23
N ALA A 258 -2.74 11.94 -15.72
CA ALA A 258 -3.57 11.01 -14.98
C ALA A 258 -2.96 10.67 -13.62
N GLU A 259 -1.65 10.54 -13.56
CA GLU A 259 -0.99 10.22 -12.30
C GLU A 259 -1.03 11.40 -11.33
N ARG A 261 -3.42 13.57 -11.11
CA ARG A 261 -4.78 13.64 -10.59
C ARG A 261 -4.95 12.65 -9.45
N LYS A 262 -4.46 11.43 -9.65
CA LYS A 262 -4.55 10.42 -8.60
C LYS A 262 -3.69 10.87 -7.42
N ALA A 263 -2.56 11.50 -7.73
CA ALA A 263 -1.64 11.99 -6.71
C ALA A 263 -2.33 13.03 -5.82
N VAL A 264 -3.18 13.85 -6.43
CA VAL A 264 -3.92 14.85 -5.67
C VAL A 264 -4.89 14.14 -4.72
N LEU A 265 -5.49 13.06 -5.21
CA LEU A 265 -6.43 12.29 -4.38
C LEU A 265 -5.71 11.67 -3.18
N TYR A 266 -4.50 11.13 -3.40
CA TYR A 266 -3.74 10.54 -2.32
C TYR A 266 -3.36 11.61 -1.31
N GLY A 267 -2.98 12.78 -1.82
CA GLY A 267 -2.62 13.87 -0.94
C GLY A 267 -3.80 14.26 -0.08
N SER A 268 -4.99 14.32 -0.68
CA SER A 268 -6.17 14.69 0.08
C SER A 268 -6.45 13.63 1.14
N ALA A 269 -6.26 12.37 0.79
CA ALA A 269 -6.49 11.29 1.75
C ALA A 269 -5.54 11.42 2.94
N ALA A 271 -4.02 14.12 4.04
CA ALA A 271 -4.39 15.30 4.80
C ALA A 271 -5.62 15.04 5.65
N SER A 272 -6.58 14.27 5.13
CA SER A 272 -7.79 14.00 5.91
C SER A 272 -7.52 13.23 7.20
N PHE A 273 -6.43 12.46 7.23
CA PHE A 273 -6.06 11.73 8.45
C PHE A 273 -5.29 12.64 9.41
N CYS A 274 -4.43 13.46 8.84
CA CYS A 274 -3.61 14.38 9.62
C CYS A 274 -4.42 15.25 10.57
N VAL A 275 -5.51 15.82 10.06
CA VAL A 275 -6.35 16.72 10.83
C VAL A 275 -7.15 16.08 11.95
N GLU A 276 -7.10 14.76 12.05
CA GLU A 276 -7.84 14.03 13.08
C GLU A 276 -7.33 14.19 14.50
N GLN A 277 -6.08 14.62 14.66
CA GLN A 277 -5.49 14.81 16.00
C GLN A 277 -4.45 15.91 15.99
N PHE A 278 -4.05 16.33 17.19
CA PHE A 278 -3.03 17.37 17.34
C PHE A 278 -1.69 16.80 16.86
N GLY A 279 -0.92 17.62 16.17
CA GLY A 279 0.37 17.17 15.69
C GLY A 279 0.28 16.09 14.62
N PRO A 280 1.37 15.37 14.36
CA PRO A 280 1.42 14.31 13.36
C PRO A 280 1.10 12.94 13.94
N TYR A 281 0.50 12.91 15.12
CA TYR A 281 0.27 11.65 15.79
C TYR A 281 -0.78 10.66 15.27
N ARG A 282 -1.59 11.08 14.31
CA ARG A 282 -2.56 10.14 13.77
C ARG A 282 -1.76 9.09 13.00
N TYR A 283 -0.55 9.48 12.58
CA TYR A 283 0.34 8.59 11.83
C TYR A 283 1.02 7.52 12.67
N ASN A 284 0.81 7.56 13.98
CA ASN A 284 1.41 6.56 14.85
C ASN A 284 0.91 5.16 14.49
N ASP A 285 -0.40 5.02 14.34
CA ASP A 285 -0.98 3.72 14.01
C ASP A 285 -1.73 3.61 12.67
N LEU A 286 -1.77 4.69 11.89
CA LEU A 286 -2.45 4.67 10.59
C LEU A 286 -1.84 3.56 9.71
N ASP A 287 -2.68 2.70 9.15
CA ASP A 287 -2.17 1.61 8.32
C ASP A 287 -2.61 1.73 6.86
N LEU A 288 -1.94 0.96 5.99
CA LEU A 288 -2.21 0.98 4.56
C LEU A 288 -3.66 0.67 4.17
N LEU A 289 -4.30 -0.24 4.89
CA LEU A 289 -5.69 -0.55 4.57
C LEU A 289 -6.53 0.70 4.73
N GLU A 290 -6.26 1.47 5.78
CA GLU A 290 -6.98 2.70 6.05
C GLU A 290 -6.71 3.76 5.00
N VAL A 291 -5.45 3.85 4.58
CA VAL A 291 -5.07 4.82 3.54
C VAL A 291 -5.75 4.45 2.22
N ASP A 292 -5.69 3.18 1.86
CA ASP A 292 -6.31 2.72 0.61
C ASP A 292 -7.81 2.99 0.64
N ASP A 293 -8.42 2.78 1.79
CA ASP A 293 -9.85 3.01 1.92
C ASP A 293 -10.21 4.48 1.75
N ARG A 294 -9.40 5.37 2.31
CA ARG A 294 -9.67 6.81 2.22
C ARG A 294 -9.48 7.32 0.79
N TYR A 295 -8.49 6.74 0.10
CA TYR A 295 -8.24 7.11 -1.29
C TYR A 295 -9.46 6.74 -2.13
N GLN A 296 -9.99 5.54 -1.91
CA GLN A 296 -11.16 5.09 -2.66
C GLN A 296 -12.33 6.06 -2.47
N SER A 297 -12.54 6.53 -1.24
CA SER A 297 -13.62 7.47 -0.97
C SER A 297 -13.46 8.73 -1.80
N PHE A 298 -12.25 9.29 -1.81
CA PHE A 298 -11.99 10.49 -2.59
C PHE A 298 -12.12 10.22 -4.08
N LEU A 299 -11.67 9.05 -4.52
CA LEU A 299 -11.78 8.71 -5.93
C LEU A 299 -13.27 8.69 -6.28
N GLU A 300 -14.06 7.93 -5.52
CA GLU A 300 -15.49 7.83 -5.73
C GLU A 300 -16.18 9.19 -5.75
N LEU A 301 -15.71 10.10 -4.90
CA LEU A 301 -16.29 11.42 -4.85
C LEU A 301 -15.91 12.27 -6.06
N SER A 302 -14.78 11.95 -6.69
CA SER A 302 -14.33 12.71 -7.85
C SER A 302 -14.94 12.20 -9.14
N SER B 4 4.08 -6.50 -9.81
CA SER B 4 4.96 -6.93 -8.68
C SER B 4 4.54 -8.30 -8.17
N LEU B 5 3.25 -8.58 -8.24
CA LEU B 5 2.73 -9.87 -7.79
C LEU B 5 2.11 -10.65 -8.95
N LEU B 6 2.63 -11.85 -9.19
CA LEU B 6 2.14 -12.70 -10.26
C LEU B 6 1.45 -13.92 -9.65
N VAL B 7 0.29 -14.26 -10.17
CA VAL B 7 -0.47 -15.41 -9.66
C VAL B 7 -0.83 -16.41 -10.74
N ILE B 8 -0.61 -17.69 -10.43
CA ILE B 8 -0.98 -18.74 -11.36
C ILE B 8 -1.78 -19.72 -10.54
N GLY B 9 -2.51 -20.60 -11.21
CA GLY B 9 -3.33 -21.57 -10.54
C GLY B 9 -4.51 -21.85 -11.45
N SER B 10 -5.52 -22.52 -10.93
CA SER B 10 -6.70 -22.82 -11.73
C SER B 10 -7.71 -21.67 -11.77
N LEU B 11 -8.48 -21.64 -12.86
CA LEU B 11 -9.57 -20.69 -13.07
C LEU B 11 -10.65 -21.70 -13.35
N ALA B 12 -11.77 -21.67 -12.63
CA ALA B 12 -12.77 -22.68 -12.89
C ALA B 12 -14.19 -22.39 -12.47
N PHE B 13 -15.04 -23.38 -12.68
CA PHE B 13 -16.43 -23.35 -12.30
C PHE B 13 -16.59 -24.54 -11.35
N ASP B 14 -17.13 -24.28 -10.17
CA ASP B 14 -17.30 -25.33 -9.17
C ASP B 14 -18.76 -25.68 -8.91
N ASP B 15 -19.02 -26.97 -8.73
CA ASP B 15 -20.36 -27.43 -8.35
C ASP B 15 -20.10 -27.77 -6.89
N ILE B 16 -20.58 -26.92 -5.99
CA ILE B 16 -20.38 -27.07 -4.55
C ILE B 16 -21.62 -27.53 -3.82
N GLU B 17 -21.44 -28.52 -2.96
CA GLU B 17 -22.55 -29.05 -2.18
C GLU B 17 -22.21 -29.14 -0.69
N THR B 18 -23.13 -28.71 0.16
CA THR B 18 -22.96 -28.78 1.61
C THR B 18 -24.25 -29.43 2.11
N PRO B 19 -24.33 -29.75 3.40
CA PRO B 19 -25.59 -30.36 3.86
C PRO B 19 -26.74 -29.36 3.85
N PHE B 20 -26.41 -28.07 3.75
CA PHE B 20 -27.41 -27.02 3.81
C PHE B 20 -27.83 -26.39 2.48
N GLY B 21 -27.01 -26.56 1.45
CA GLY B 21 -27.36 -26.00 0.16
C GLY B 21 -26.32 -26.34 -0.88
N ARG B 22 -26.51 -25.80 -2.09
CA ARG B 22 -25.55 -26.07 -3.15
C ARG B 22 -25.43 -24.88 -4.10
N SER B 23 -24.30 -24.81 -4.79
CA SER B 23 -24.04 -23.73 -5.73
C SER B 23 -23.36 -24.33 -6.92
N ASP B 24 -24.07 -24.41 -8.03
CA ASP B 24 -23.51 -24.98 -9.26
C ASP B 24 -22.94 -23.93 -10.18
N ASN B 25 -22.02 -24.34 -11.05
CA ASN B 25 -21.41 -23.42 -12.01
C ASN B 25 -20.87 -22.16 -11.32
N THR B 26 -20.33 -22.34 -10.12
CA THR B 26 -19.80 -21.23 -9.32
C THR B 26 -18.40 -20.83 -9.80
N LEU B 27 -18.15 -19.53 -9.93
CA LEU B 27 -16.82 -19.08 -10.35
C LEU B 27 -15.84 -19.52 -9.25
N GLY B 28 -14.70 -20.07 -9.64
CA GLY B 28 -13.74 -20.53 -8.66
C GLY B 28 -12.36 -20.74 -9.25
N GLY B 29 -11.60 -21.64 -8.62
CA GLY B 29 -10.24 -21.92 -9.06
C GLY B 29 -9.27 -21.26 -8.10
N SER B 30 -8.14 -21.90 -7.82
CA SER B 30 -7.17 -21.34 -6.89
C SER B 30 -6.68 -19.94 -7.25
N SER B 31 -6.43 -19.71 -8.54
CA SER B 31 -5.95 -18.43 -9.03
C SER B 31 -6.94 -17.31 -8.69
N THR B 32 -8.22 -17.59 -8.89
CA THR B 32 -9.29 -16.63 -8.63
C THR B 32 -9.34 -16.20 -7.17
N TYR B 33 -9.31 -17.18 -6.25
CA TYR B 33 -9.37 -16.89 -4.83
C TYR B 33 -8.13 -16.13 -4.35
N ILE B 34 -6.96 -16.56 -4.82
CA ILE B 34 -5.72 -15.90 -4.43
C ILE B 34 -5.68 -14.45 -4.90
N ALA B 35 -6.00 -14.25 -6.19
CA ALA B 35 -5.97 -12.92 -6.78
C ALA B 35 -6.99 -11.96 -6.16
N LEU B 36 -8.23 -12.41 -5.98
CA LEU B 36 -9.24 -11.54 -5.38
C LEU B 36 -8.84 -11.13 -3.96
N SER B 37 -8.32 -12.07 -3.19
CA SER B 37 -7.89 -11.80 -1.83
C SER B 37 -6.69 -10.87 -1.79
N ALA B 38 -5.68 -11.17 -2.59
CA ALA B 38 -4.46 -10.36 -2.63
C ALA B 38 -4.70 -8.90 -3.07
N SER B 39 -5.69 -8.68 -3.93
CA SER B 39 -6.01 -7.33 -4.41
C SER B 39 -6.36 -6.37 -3.28
N TYR B 40 -6.81 -6.90 -2.15
CA TYR B 40 -7.13 -6.04 -1.02
C TYR B 40 -5.87 -5.40 -0.43
N PHE B 41 -4.71 -5.95 -0.78
CA PHE B 41 -3.45 -5.47 -0.23
C PHE B 41 -2.51 -4.73 -1.16
N THR B 42 -2.54 -5.07 -2.44
CA THR B 42 -1.67 -4.44 -3.43
C THR B 42 -2.29 -3.16 -3.97
N ASP B 43 -1.45 -2.23 -4.41
CA ASP B 43 -1.93 -0.97 -4.95
C ASP B 43 -1.64 -0.89 -6.45
N GLU B 44 -1.25 -2.02 -7.03
CA GLU B 44 -1.00 -2.10 -8.46
C GLU B 44 -1.61 -3.42 -8.92
N PRO B 45 -2.12 -3.48 -10.15
CA PRO B 45 -2.74 -4.70 -10.66
C PRO B 45 -1.98 -6.00 -10.47
N ILE B 46 -2.69 -7.01 -9.97
CA ILE B 46 -2.13 -8.33 -9.77
C ILE B 46 -2.04 -8.95 -11.16
N ARG B 47 -0.95 -9.65 -11.45
CA ARG B 47 -0.76 -10.26 -12.74
C ARG B 47 -1.23 -11.72 -12.74
N VAL B 49 -1.67 -15.44 -14.87
CA VAL B 49 -1.35 -16.32 -15.97
C VAL B 49 -2.22 -17.58 -15.80
N GLY B 50 -2.98 -17.91 -16.84
CA GLY B 50 -3.84 -19.08 -16.76
C GLY B 50 -4.52 -19.30 -18.09
N VAL B 51 -5.56 -20.13 -18.11
CA VAL B 51 -6.30 -20.42 -19.33
C VAL B 51 -7.74 -20.78 -19.00
N VAL B 52 -8.67 -20.35 -19.85
CA VAL B 52 -10.09 -20.64 -19.67
C VAL B 52 -10.72 -21.00 -21.00
N GLY B 53 -11.92 -21.57 -20.96
CA GLY B 53 -12.60 -21.95 -22.18
C GLY B 53 -13.49 -20.83 -22.69
N SER B 54 -14.15 -21.06 -23.81
CA SER B 54 -15.03 -20.06 -24.40
C SER B 54 -16.27 -19.86 -23.55
N ASP B 55 -16.44 -20.72 -22.55
CA ASP B 55 -17.60 -20.63 -21.66
C ASP B 55 -17.34 -19.75 -20.44
N PHE B 56 -16.16 -19.14 -20.39
CA PHE B 56 -15.80 -18.24 -19.30
C PHE B 56 -16.30 -16.85 -19.75
N GLY B 57 -17.50 -16.51 -19.31
CA GLY B 57 -18.13 -15.25 -19.69
C GLY B 57 -17.52 -13.92 -19.30
N LYS B 58 -18.02 -12.86 -19.94
CA LYS B 58 -17.55 -11.50 -19.70
C LYS B 58 -17.75 -11.11 -18.24
N GLU B 59 -18.84 -11.59 -17.65
CA GLU B 59 -19.16 -11.30 -16.26
C GLU B 59 -18.05 -11.68 -15.29
N HIS B 60 -17.35 -12.75 -15.60
CA HIS B 60 -16.28 -13.21 -14.74
C HIS B 60 -15.03 -12.36 -14.90
N PHE B 61 -14.73 -11.97 -16.14
CA PHE B 61 -13.58 -11.12 -16.40
C PHE B 61 -13.86 -9.75 -15.77
N ASP B 62 -15.12 -9.32 -15.82
CA ASP B 62 -15.50 -8.03 -15.25
C ASP B 62 -15.30 -8.02 -13.73
N LEU B 63 -15.56 -9.15 -13.09
CA LEU B 63 -15.39 -9.25 -11.65
C LEU B 63 -13.91 -9.11 -11.28
N LEU B 64 -13.05 -9.75 -12.06
CA LEU B 64 -11.61 -9.67 -11.80
C LEU B 64 -11.13 -8.25 -12.07
N HIS B 65 -11.55 -7.71 -13.20
CA HIS B 65 -11.18 -6.36 -13.59
C HIS B 65 -11.67 -5.32 -12.59
N ALA B 66 -12.77 -5.61 -11.91
CA ALA B 66 -13.30 -4.69 -10.93
C ALA B 66 -12.35 -4.55 -9.75
N LYS B 67 -11.49 -5.54 -9.55
CA LYS B 67 -10.51 -5.52 -8.45
C LYS B 67 -9.13 -5.14 -8.95
N ASN B 68 -9.09 -4.52 -10.14
CA ASN B 68 -7.85 -4.06 -10.76
C ASN B 68 -6.89 -5.17 -11.16
N ILE B 69 -7.40 -6.38 -11.32
CA ILE B 69 -6.55 -7.51 -11.69
C ILE B 69 -6.25 -7.51 -13.19
N ASP B 70 -4.97 -7.67 -13.52
CA ASP B 70 -4.51 -7.70 -14.91
C ASP B 70 -4.67 -9.13 -15.42
N THR B 71 -5.51 -9.30 -16.44
CA THR B 71 -5.76 -10.64 -16.98
C THR B 71 -5.15 -10.91 -18.36
N ARG B 72 -4.23 -10.06 -18.78
CA ARG B 72 -3.61 -10.26 -20.08
C ARG B 72 -2.90 -11.60 -20.19
N GLY B 73 -2.51 -12.16 -19.05
CA GLY B 73 -1.83 -13.45 -19.05
C GLY B 73 -2.74 -14.65 -19.12
N ILE B 74 -4.05 -14.41 -19.14
CA ILE B 74 -5.02 -15.49 -19.22
C ILE B 74 -5.35 -15.77 -20.68
N GLN B 75 -5.20 -17.02 -21.10
CA GLN B 75 -5.50 -17.41 -22.46
C GLN B 75 -6.93 -17.90 -22.56
N VAL B 76 -7.54 -17.69 -23.72
CA VAL B 76 -8.92 -18.13 -23.93
C VAL B 76 -8.99 -19.10 -25.11
N ILE B 77 -9.35 -20.35 -24.83
CA ILE B 77 -9.46 -21.35 -25.88
C ILE B 77 -10.87 -21.27 -26.46
N GLU B 78 -10.97 -20.81 -27.71
CA GLU B 78 -12.27 -20.65 -28.33
C GLU B 78 -13.11 -21.92 -28.43
N ASP B 79 -12.49 -23.07 -28.62
CA ASP B 79 -13.28 -24.30 -28.70
C ASP B 79 -13.07 -25.20 -27.49
N GLY B 80 -12.64 -24.60 -26.39
CA GLY B 80 -12.39 -25.36 -25.19
C GLY B 80 -13.32 -25.03 -24.02
N LYS B 81 -13.27 -25.87 -23.00
CA LYS B 81 -14.09 -25.69 -21.81
C LYS B 81 -13.23 -25.35 -20.60
N THR B 82 -13.78 -24.52 -19.72
CA THR B 82 -13.08 -24.10 -18.52
C THR B 82 -12.93 -25.25 -17.53
N PHE B 83 -11.84 -25.23 -16.77
CA PHE B 83 -11.57 -26.23 -15.74
C PHE B 83 -12.82 -26.38 -14.87
N ARG B 84 -13.16 -27.61 -14.48
CA ARG B 84 -14.33 -27.82 -13.63
C ARG B 84 -14.03 -28.72 -12.43
N TRP B 85 -14.72 -28.45 -11.32
CA TRP B 85 -14.56 -29.21 -10.09
C TRP B 85 -15.89 -29.35 -9.36
N ALA B 86 -16.05 -30.46 -8.65
CA ALA B 86 -17.26 -30.73 -7.87
C ALA B 86 -16.79 -31.16 -6.49
N GLY B 87 -17.33 -30.54 -5.46
CA GLY B 87 -16.94 -30.88 -4.11
C GLY B 87 -18.11 -30.98 -3.16
N ARG B 88 -17.96 -31.82 -2.14
CA ARG B 88 -19.01 -32.04 -1.15
C ARG B 88 -18.51 -31.91 0.27
N TYR B 89 -19.11 -31.01 1.04
CA TYR B 89 -18.73 -30.79 2.44
C TYR B 89 -19.71 -31.53 3.34
N HIS B 90 -19.35 -31.68 4.60
CA HIS B 90 -20.21 -32.39 5.55
C HIS B 90 -20.51 -31.56 6.78
N TYR B 91 -21.06 -32.19 7.81
CA TYR B 91 -21.43 -31.44 8.99
C TYR B 91 -20.30 -30.77 9.78
N ASP B 92 -19.07 -31.19 9.54
CA ASP B 92 -17.93 -30.57 10.22
C ASP B 92 -17.55 -29.28 9.48
N ASN B 94 -15.62 -28.52 6.90
CA ASN B 94 -14.19 -28.34 6.73
C ASN B 94 -13.69 -29.34 5.68
N THR B 95 -13.73 -30.62 6.02
CA THR B 95 -13.26 -31.65 5.10
C THR B 95 -14.24 -31.77 3.92
N ARG B 96 -13.80 -32.41 2.84
CA ARG B 96 -14.67 -32.53 1.68
C ARG B 96 -14.26 -33.67 0.74
N ASP B 97 -15.19 -34.08 -0.10
CA ASP B 97 -14.93 -35.12 -1.09
C ASP B 97 -14.86 -34.45 -2.44
N THR B 98 -13.87 -34.81 -3.24
CA THR B 98 -13.82 -34.26 -4.58
C THR B 98 -14.67 -35.27 -5.33
N LEU B 99 -15.79 -34.80 -5.88
CA LEU B 99 -16.70 -35.66 -6.61
C LEU B 99 -16.31 -35.75 -8.08
N ASP B 100 -15.64 -34.71 -8.57
CA ASP B 100 -15.20 -34.69 -9.95
C ASP B 100 -14.14 -33.63 -10.23
N THR B 101 -13.25 -33.93 -11.16
CA THR B 101 -12.19 -33.02 -11.57
C THR B 101 -12.04 -33.14 -13.09
N GLN B 102 -12.21 -32.02 -13.78
CA GLN B 102 -12.09 -31.96 -15.24
C GLN B 102 -11.07 -30.88 -15.58
N LEU B 103 -9.82 -31.29 -15.83
CA LEU B 103 -8.79 -30.32 -16.15
C LEU B 103 -9.15 -29.49 -17.36
N ASN B 104 -9.82 -30.12 -18.33
CA ASN B 104 -10.22 -29.45 -19.57
C ASN B 104 -9.06 -28.66 -20.19
N VAL B 105 -9.24 -27.37 -20.44
CA VAL B 105 -8.17 -26.58 -21.05
C VAL B 105 -6.84 -26.62 -20.31
N PHE B 106 -6.86 -26.91 -19.02
CA PHE B 106 -5.62 -26.97 -18.26
C PHE B 106 -4.83 -28.25 -18.53
N ALA B 107 -5.44 -29.17 -19.27
CA ALA B 107 -4.81 -30.44 -19.59
C ALA B 107 -3.56 -30.21 -20.45
N GLU B 108 -3.76 -29.71 -21.66
CA GLU B 108 -2.63 -29.44 -22.56
C GLU B 108 -2.25 -27.96 -22.54
N PHE B 109 -2.26 -27.36 -21.35
CA PHE B 109 -1.93 -25.96 -21.20
C PHE B 109 -0.43 -25.68 -21.13
N ASP B 110 0.09 -24.95 -22.12
CA ASP B 110 1.51 -24.59 -22.11
C ASP B 110 1.51 -23.20 -21.50
N PRO B 111 1.98 -23.09 -20.26
CA PRO B 111 1.99 -21.76 -19.65
C PRO B 111 2.96 -20.80 -20.32
N HIS B 112 2.46 -19.65 -20.73
CA HIS B 112 3.35 -18.67 -21.31
C HIS B 112 3.22 -17.39 -20.49
N VAL B 113 4.33 -16.94 -19.94
CA VAL B 113 4.34 -15.70 -19.17
C VAL B 113 4.76 -14.63 -20.15
N PRO B 114 3.88 -13.67 -20.44
CA PRO B 114 4.27 -12.64 -21.38
C PRO B 114 5.50 -11.90 -20.89
N GLN B 115 6.24 -11.33 -21.84
CA GLN B 115 7.44 -10.57 -21.54
C GLN B 115 7.24 -9.64 -20.35
N TYR B 116 6.15 -8.88 -20.41
CA TYR B 116 5.86 -7.89 -19.36
C TYR B 116 5.48 -8.41 -17.97
N TYR B 117 5.58 -9.72 -17.75
CA TYR B 117 5.27 -10.30 -16.44
C TYR B 117 6.57 -10.88 -15.88
N ARG B 118 7.54 -11.06 -16.78
CA ARG B 118 8.84 -11.63 -16.46
C ARG B 118 9.55 -11.04 -15.23
N ASP B 119 9.39 -9.75 -15.02
CA ASP B 119 10.06 -9.07 -13.90
C ASP B 119 9.28 -9.12 -12.58
N SER B 120 8.31 -10.02 -12.49
CA SER B 120 7.52 -10.13 -11.27
C SER B 120 8.42 -10.48 -10.07
N LYS B 121 8.25 -9.77 -8.97
CA LYS B 121 9.03 -10.02 -7.76
C LYS B 121 8.41 -11.03 -6.81
N PHE B 122 7.09 -10.98 -6.66
CA PHE B 122 6.39 -11.91 -5.79
C PHE B 122 5.59 -12.84 -6.67
N VAL B 123 5.88 -14.13 -6.54
CA VAL B 123 5.22 -15.16 -7.33
C VAL B 123 4.43 -16.13 -6.46
N CYS B 124 3.17 -16.33 -6.80
CA CYS B 124 2.35 -17.26 -6.03
C CYS B 124 1.96 -18.43 -6.93
N LEU B 125 2.61 -19.57 -6.72
CA LEU B 125 2.34 -20.77 -7.48
C LEU B 125 1.13 -21.45 -6.84
N GLY B 126 -0.05 -20.97 -7.21
CA GLY B 126 -1.27 -21.53 -6.67
C GLY B 126 -1.50 -22.96 -7.14
N ASN B 127 -2.36 -23.65 -6.42
CA ASN B 127 -2.72 -25.03 -6.68
C ASN B 127 -3.05 -25.31 -8.14
N ILE B 128 -2.22 -26.15 -8.76
CA ILE B 128 -2.36 -26.57 -10.15
C ILE B 128 -1.28 -27.63 -10.38
N ASP B 129 -1.32 -28.29 -11.53
CA ASP B 129 -0.33 -29.32 -11.85
C ASP B 129 1.09 -28.82 -11.58
N PRO B 130 1.84 -29.51 -10.69
CA PRO B 130 3.21 -29.09 -10.37
C PRO B 130 4.09 -28.88 -11.60
N GLU B 131 3.87 -29.66 -12.66
CA GLU B 131 4.65 -29.51 -13.90
C GLU B 131 4.40 -28.10 -14.44
N LEU B 132 3.17 -27.62 -14.30
CA LEU B 132 2.83 -26.27 -14.78
C LEU B 132 3.46 -25.21 -13.87
N GLN B 133 3.43 -25.46 -12.56
CA GLN B 133 4.00 -24.51 -11.61
C GLN B 133 5.48 -24.29 -11.90
N LEU B 134 6.19 -25.37 -12.18
CA LEU B 134 7.61 -25.28 -12.46
C LEU B 134 7.84 -24.50 -13.76
N LYS B 135 7.10 -24.85 -14.81
CA LYS B 135 7.24 -24.17 -16.09
C LYS B 135 7.09 -22.65 -15.97
N VAL B 136 6.21 -22.21 -15.08
CA VAL B 136 6.01 -20.77 -14.90
C VAL B 136 7.20 -20.17 -14.16
N LEU B 137 7.57 -20.77 -13.04
CA LEU B 137 8.69 -20.27 -12.26
C LEU B 137 9.94 -20.13 -13.12
N ASP B 138 10.15 -21.10 -14.01
CA ASP B 138 11.31 -21.09 -14.90
C ASP B 138 11.32 -19.85 -15.80
N GLN B 139 10.18 -19.18 -15.94
CA GLN B 139 10.08 -18.01 -16.79
C GLN B 139 10.19 -16.68 -16.05
N ILE B 140 10.32 -16.72 -14.73
CA ILE B 140 10.44 -15.49 -13.96
C ILE B 140 11.92 -15.18 -13.78
N ASP B 141 12.32 -13.96 -14.16
CA ASP B 141 13.71 -13.55 -14.10
C ASP B 141 14.43 -13.62 -12.76
N ASP B 142 13.97 -12.85 -11.78
CA ASP B 142 14.63 -12.82 -10.48
C ASP B 142 13.64 -12.48 -9.36
N PRO B 143 12.79 -13.46 -8.99
CA PRO B 143 11.78 -13.27 -7.93
C PRO B 143 12.37 -13.13 -6.54
N LYS B 144 11.74 -12.27 -5.74
CA LYS B 144 12.18 -12.03 -4.37
C LYS B 144 11.55 -13.04 -3.41
N LEU B 145 10.36 -13.53 -3.75
CA LEU B 145 9.68 -14.50 -2.90
C LEU B 145 8.72 -15.35 -3.71
N VAL B 146 8.82 -16.66 -3.53
CA VAL B 146 7.98 -17.61 -4.22
C VAL B 146 7.13 -18.37 -3.20
N VAL B 147 5.82 -18.26 -3.31
CA VAL B 147 4.90 -18.94 -2.41
C VAL B 147 4.18 -20.01 -3.23
N CYS B 148 3.74 -21.07 -2.58
CA CYS B 148 3.08 -22.14 -3.33
C CYS B 148 2.18 -23.01 -2.47
N ASP B 149 1.11 -23.52 -3.09
CA ASP B 149 0.23 -24.45 -2.41
C ASP B 149 -0.12 -25.53 -3.43
N THR B 150 -0.62 -26.67 -2.96
CA THR B 150 -0.91 -27.77 -3.86
C THR B 150 -2.26 -28.40 -3.49
N ASN B 152 -4.27 -32.62 -2.53
CA ASN B 152 -4.14 -34.07 -2.48
C ASN B 152 -4.04 -34.66 -3.89
N PHE B 153 -4.78 -34.05 -4.82
CA PHE B 153 -4.80 -34.48 -6.21
C PHE B 153 -3.39 -34.61 -6.76
N TRP B 154 -2.57 -33.60 -6.48
CA TRP B 154 -1.19 -33.57 -6.95
C TRP B 154 -0.24 -34.31 -6.01
N ILE B 155 -0.52 -34.24 -4.72
CA ILE B 155 0.33 -34.94 -3.74
C ILE B 155 0.34 -36.43 -4.03
N GLU B 156 -0.83 -36.97 -4.37
CA GLU B 156 -0.96 -38.39 -4.68
C GLU B 156 -0.64 -38.67 -6.15
N GLY B 157 -1.07 -37.77 -7.03
CA GLY B 157 -0.85 -37.93 -8.45
C GLY B 157 0.55 -37.73 -8.98
N LYS B 158 1.17 -36.61 -8.65
CA LYS B 158 2.53 -36.31 -9.11
C LYS B 158 3.48 -35.90 -7.98
N PRO B 159 3.67 -36.77 -6.99
CA PRO B 159 4.57 -36.48 -5.87
C PRO B 159 5.97 -36.07 -6.29
N GLU B 160 6.52 -36.78 -7.27
CA GLU B 160 7.87 -36.50 -7.76
C GLU B 160 7.97 -35.12 -8.37
N GLU B 161 7.00 -34.76 -9.19
CA GLU B 161 6.99 -33.45 -9.84
C GLU B 161 6.78 -32.37 -8.79
N LEU B 162 5.91 -32.65 -7.82
CA LEU B 162 5.65 -31.70 -6.75
C LEU B 162 6.93 -31.43 -5.97
N LYS B 163 7.66 -32.50 -5.64
CA LYS B 163 8.89 -32.35 -4.88
C LYS B 163 9.90 -31.48 -5.62
N LYS B 164 9.81 -31.45 -6.94
CA LYS B 164 10.71 -30.62 -7.73
C LYS B 164 10.35 -29.16 -7.48
N VAL B 165 9.05 -28.89 -7.40
CA VAL B 165 8.59 -27.53 -7.15
C VAL B 165 9.01 -27.07 -5.75
N LEU B 166 8.81 -27.95 -4.77
CA LEU B 166 9.13 -27.64 -3.39
C LEU B 166 10.58 -27.30 -3.12
N ALA B 167 11.49 -27.89 -3.89
CA ALA B 167 12.91 -27.63 -3.71
C ALA B 167 13.25 -26.20 -4.15
N ARG B 168 12.30 -25.53 -4.79
CA ARG B 168 12.53 -24.17 -5.27
C ARG B 168 11.58 -23.10 -4.77
N VAL B 169 10.82 -23.38 -3.72
CA VAL B 169 9.90 -22.38 -3.19
C VAL B 169 10.38 -21.86 -1.83
N ASP B 170 10.04 -20.61 -1.52
CA ASP B 170 10.41 -20.00 -0.25
C ASP B 170 9.39 -20.30 0.83
N VAL B 171 8.11 -20.24 0.46
CA VAL B 171 7.04 -20.49 1.40
C VAL B 171 6.05 -21.51 0.85
N PHE B 172 5.80 -22.56 1.61
CA PHE B 172 4.89 -23.60 1.20
C PHE B 172 3.67 -23.60 2.14
N ILE B 173 2.47 -23.53 1.56
CA ILE B 173 1.23 -23.50 2.33
C ILE B 173 0.34 -24.73 2.12
N VAL B 174 0.06 -25.46 3.20
CA VAL B 174 -0.78 -26.65 3.14
C VAL B 174 -1.77 -26.67 4.30
N ASN B 175 -2.83 -27.46 4.20
CA ASN B 175 -3.75 -27.58 5.32
C ASN B 175 -3.22 -28.78 6.12
N ASP B 176 -3.81 -29.06 7.27
CA ASP B 176 -3.31 -30.16 8.09
C ASP B 176 -3.50 -31.54 7.45
N SER B 177 -4.51 -31.69 6.61
CA SER B 177 -4.73 -32.96 5.93
C SER B 177 -3.62 -33.22 4.93
N GLU B 178 -3.32 -32.21 4.11
CA GLU B 178 -2.28 -32.32 3.10
C GLU B 178 -0.92 -32.54 3.76
N ALA B 179 -0.70 -31.85 4.86
CA ALA B 179 0.57 -31.95 5.59
C ALA B 179 0.82 -33.38 6.07
N ARG B 180 -0.19 -33.99 6.70
CA ARG B 180 -0.04 -35.35 7.19
C ARG B 180 0.14 -36.34 6.04
N LEU B 181 -0.59 -36.11 4.95
CA LEU B 181 -0.51 -36.97 3.79
C LEU B 181 0.92 -36.93 3.23
N LEU B 182 1.49 -35.73 3.21
CA LEU B 182 2.84 -35.56 2.72
C LEU B 182 3.90 -36.18 3.62
N SER B 183 3.69 -36.11 4.93
CA SER B 183 4.67 -36.62 5.90
C SER B 183 4.53 -38.07 6.31
N GLY B 184 3.30 -38.58 6.29
CA GLY B 184 3.09 -39.96 6.71
C GLY B 184 3.05 -40.09 8.21
N ASP B 185 3.00 -38.96 8.93
CA ASP B 185 2.93 -39.00 10.39
C ASP B 185 1.92 -37.94 10.86
N PRO B 186 1.05 -38.29 11.83
CA PRO B 186 0.03 -37.37 12.34
C PRO B 186 0.51 -36.18 13.19
N ASN B 187 1.73 -36.27 13.72
CA ASN B 187 2.27 -35.19 14.54
C ASN B 187 2.69 -34.03 13.64
N LEU B 188 2.03 -32.89 13.80
CA LEU B 188 2.33 -31.73 12.96
C LEU B 188 3.72 -31.14 13.13
N VAL B 189 4.30 -31.25 14.33
CA VAL B 189 5.64 -30.72 14.53
C VAL B 189 6.63 -31.58 13.73
N LYS B 190 6.51 -32.91 13.86
CA LYS B 190 7.39 -33.80 13.11
C LYS B 190 7.12 -33.62 11.62
N THR B 191 5.84 -33.47 11.27
CA THR B 191 5.42 -33.28 9.89
C THR B 191 6.11 -32.07 9.28
N ALA B 192 6.16 -30.97 10.03
CA ALA B 192 6.79 -29.75 9.55
C ALA B 192 8.27 -29.94 9.21
N ARG B 193 9.00 -30.66 10.07
CA ARG B 193 10.41 -30.90 9.80
C ARG B 193 10.58 -31.73 8.51
N ILE B 194 9.75 -32.75 8.34
CA ILE B 194 9.82 -33.62 7.16
C ILE B 194 9.53 -32.85 5.88
N ILE B 195 8.51 -32.00 5.93
CA ILE B 195 8.14 -31.20 4.77
C ILE B 195 9.19 -30.14 4.46
N ARG B 196 9.72 -29.48 5.50
CA ARG B 196 10.74 -28.44 5.27
C ARG B 196 12.02 -29.07 4.70
N GLU B 197 12.24 -30.33 5.02
CA GLU B 197 13.42 -31.05 4.51
C GLU B 197 13.33 -31.21 3.00
N GLY B 199 12.64 -28.84 1.08
CA GLY B 199 13.08 -27.58 0.47
C GLY B 199 12.62 -26.30 1.14
N PRO B 200 11.29 -26.09 1.27
CA PRO B 200 10.72 -24.88 1.88
C PRO B 200 11.30 -24.44 3.23
N LYS B 201 11.87 -23.23 3.27
CA LYS B 201 12.45 -22.67 4.48
C LYS B 201 11.32 -22.22 5.41
N THR B 202 10.19 -21.88 4.81
CA THR B 202 9.02 -21.44 5.56
C THR B 202 7.84 -22.34 5.19
N LEU B 203 7.16 -22.86 6.21
CA LEU B 203 6.00 -23.71 6.01
C LEU B 203 4.85 -23.16 6.84
N ILE B 204 3.64 -23.17 6.26
CA ILE B 204 2.47 -22.72 6.98
C ILE B 204 1.45 -23.85 6.89
N ILE B 205 1.04 -24.36 8.04
CA ILE B 205 0.04 -25.41 8.06
C ILE B 205 -1.23 -24.76 8.58
N LYS B 206 -2.23 -24.62 7.71
CA LYS B 206 -3.50 -24.02 8.11
C LYS B 206 -4.50 -25.13 8.40
N LYS B 207 -4.97 -25.19 9.64
CA LYS B 207 -5.92 -26.21 10.07
C LYS B 207 -7.35 -25.79 9.76
N GLY B 208 -7.71 -25.76 8.48
CA GLY B 208 -9.04 -25.33 8.10
C GLY B 208 -9.23 -23.94 8.67
N GLU B 209 -10.34 -23.70 9.36
CA GLU B 209 -10.58 -22.41 9.97
C GLU B 209 -10.29 -22.48 11.47
N HIS B 210 -9.45 -23.43 11.85
CA HIS B 210 -9.12 -23.62 13.27
C HIS B 210 -7.72 -23.14 13.65
N GLY B 211 -7.21 -22.14 12.94
CA GLY B 211 -5.89 -21.61 13.25
C GLY B 211 -4.83 -22.03 12.26
N ALA B 212 -3.68 -21.36 12.32
CA ALA B 212 -2.60 -21.67 11.40
C ALA B 212 -1.28 -21.74 12.16
N LEU B 213 -0.32 -22.50 11.61
CA LEU B 213 0.98 -22.63 12.22
C LEU B 213 2.04 -22.23 11.21
N LEU B 214 2.94 -21.34 11.61
CA LEU B 214 4.03 -20.86 10.77
C LEU B 214 5.35 -21.43 11.32
N PHE B 215 6.03 -22.23 10.51
CA PHE B 215 7.29 -22.86 10.90
C PHE B 215 8.46 -22.24 10.14
N THR B 216 9.44 -21.71 10.87
CA THR B 216 10.63 -21.11 10.24
C THR B 216 11.86 -21.55 11.03
N ASP B 217 13.03 -21.02 10.67
CA ASP B 217 14.23 -21.41 11.41
C ASP B 217 14.23 -20.84 12.81
N ASN B 218 13.40 -19.83 13.03
CA ASN B 218 13.34 -19.20 14.34
C ASN B 218 12.32 -19.81 15.29
N GLY B 219 11.52 -20.74 14.79
CA GLY B 219 10.55 -21.36 15.66
C GLY B 219 9.15 -21.47 15.07
N ILE B 220 8.18 -21.66 15.95
CA ILE B 220 6.79 -21.82 15.55
C ILE B 220 5.91 -20.66 16.00
N PHE B 221 5.10 -20.15 15.09
CA PHE B 221 4.18 -19.08 15.42
C PHE B 221 2.78 -19.62 15.24
N ALA B 222 1.94 -19.45 16.25
CA ALA B 222 0.57 -19.94 16.21
C ALA B 222 -0.43 -18.81 16.04
N ALA B 223 -1.24 -18.89 14.98
CA ALA B 223 -2.26 -17.89 14.74
C ALA B 223 -3.58 -18.50 15.19
N PRO B 224 -4.06 -18.14 16.40
CA PRO B 224 -5.33 -18.69 16.90
C PRO B 224 -6.51 -18.49 15.95
N ALA B 225 -7.54 -19.32 16.12
CA ALA B 225 -8.72 -19.23 15.29
C ALA B 225 -9.70 -18.21 15.83
N PHE B 226 -10.59 -17.75 14.96
CA PHE B 226 -11.64 -16.80 15.28
C PHE B 226 -12.77 -17.75 15.72
N PRO B 227 -12.95 -17.93 17.04
CA PRO B 227 -13.94 -18.82 17.64
C PRO B 227 -15.38 -18.83 17.12
N LEU B 228 -15.89 -17.70 16.69
CA LEU B 228 -17.26 -17.63 16.23
C LEU B 228 -17.48 -17.25 14.77
N GLU B 229 -16.59 -17.63 13.86
CA GLU B 229 -16.82 -17.26 12.48
C GLU B 229 -17.93 -18.10 11.83
N SER B 230 -18.70 -17.46 10.97
CA SER B 230 -19.81 -18.10 10.30
C SER B 230 -19.38 -18.81 9.02
N ILE B 231 -19.26 -20.13 9.11
CA ILE B 231 -18.85 -20.93 7.96
C ILE B 231 -20.04 -21.47 7.17
N TYR B 232 -20.14 -21.09 5.90
CA TYR B 232 -21.21 -21.57 5.02
C TYR B 232 -20.64 -22.33 3.82
N ASP B 233 -19.43 -21.96 3.40
CA ASP B 233 -18.78 -22.62 2.28
C ASP B 233 -17.28 -22.43 2.41
N PRO B 234 -16.55 -23.49 2.77
CA PRO B 234 -15.10 -23.43 2.94
C PRO B 234 -14.29 -23.30 1.65
N THR B 235 -14.95 -23.47 0.50
CA THR B 235 -14.26 -23.41 -0.80
C THR B 235 -13.50 -22.11 -0.97
N GLY B 236 -12.21 -22.25 -1.30
CA GLY B 236 -11.38 -21.07 -1.52
C GLY B 236 -10.65 -20.51 -0.31
N ALA B 237 -11.05 -20.94 0.88
CA ALA B 237 -10.46 -20.44 2.12
C ALA B 237 -8.94 -20.44 2.15
N GLY B 238 -8.34 -21.61 1.92
CA GLY B 238 -6.89 -21.71 1.95
C GLY B 238 -6.19 -20.85 0.91
N ASP B 239 -6.82 -20.72 -0.25
CA ASP B 239 -6.25 -19.91 -1.30
C ASP B 239 -6.44 -18.42 -1.00
N THR B 240 -7.56 -18.03 -0.37
CA THR B 240 -7.72 -16.61 -0.06
C THR B 240 -6.69 -16.32 1.06
N PHE B 241 -6.37 -17.35 1.84
CA PHE B 241 -5.38 -17.21 2.89
C PHE B 241 -4.04 -16.90 2.21
N ALA B 242 -3.68 -17.72 1.23
CA ALA B 242 -2.42 -17.51 0.52
C ALA B 242 -2.40 -16.12 -0.10
N GLY B 243 -3.55 -15.68 -0.61
CA GLY B 243 -3.64 -14.37 -1.22
C GLY B 243 -3.38 -13.23 -0.24
N GLY B 244 -4.02 -13.28 0.92
CA GLY B 244 -3.81 -12.23 1.91
C GLY B 244 -2.36 -12.25 2.36
N PHE B 245 -1.82 -13.45 2.53
CA PHE B 245 -0.45 -13.62 2.95
C PHE B 245 0.55 -12.96 1.99
N ILE B 246 0.57 -13.40 0.73
CA ILE B 246 1.53 -12.83 -0.22
C ILE B 246 1.19 -11.40 -0.63
N GLY B 247 -0.08 -11.03 -0.49
CA GLY B 247 -0.48 -9.69 -0.86
C GLY B 247 0.10 -8.67 0.09
N HIS B 248 0.02 -8.95 1.38
CA HIS B 248 0.56 -8.03 2.38
C HIS B 248 2.08 -7.88 2.21
N LEU B 249 2.77 -9.00 2.01
CA LEU B 249 4.21 -8.97 1.84
C LEU B 249 4.59 -8.21 0.57
N ALA B 250 3.85 -8.44 -0.51
CA ALA B 250 4.12 -7.76 -1.77
C ALA B 250 4.02 -6.24 -1.59
N ARG B 251 2.99 -5.80 -0.87
CA ARG B 251 2.77 -4.38 -0.63
C ARG B 251 3.84 -3.74 0.24
N CYS B 252 4.25 -4.40 1.32
CA CYS B 252 5.27 -3.83 2.20
C CYS B 252 6.67 -4.10 1.66
N GLY B 253 6.79 -5.09 0.78
CA GLY B 253 8.09 -5.41 0.18
C GLY B 253 9.09 -6.09 1.09
N ASN B 254 8.74 -6.27 2.36
CA ASN B 254 9.63 -6.91 3.31
C ASN B 254 9.20 -8.36 3.55
N THR B 255 10.16 -9.28 3.60
CA THR B 255 9.85 -10.69 3.83
C THR B 255 10.46 -11.22 5.14
N SER B 256 10.66 -10.34 6.09
CA SER B 256 11.22 -10.72 7.39
C SER B 256 10.24 -11.58 8.18
N GLU B 257 10.75 -12.22 9.22
CA GLU B 257 9.95 -13.07 10.10
C GLU B 257 8.75 -12.28 10.65
N ALA B 258 9.03 -11.06 11.10
CA ALA B 258 8.00 -10.21 11.68
C ALA B 258 6.84 -9.94 10.72
N GLU B 259 7.15 -9.59 9.48
CA GLU B 259 6.11 -9.31 8.50
C GLU B 259 5.36 -10.56 8.10
N ARG B 261 4.63 -13.06 10.09
CA ARG B 261 3.65 -13.38 11.13
C ARG B 261 2.43 -12.48 10.93
N LYS B 262 2.67 -11.22 10.57
CA LYS B 262 1.55 -10.32 10.33
C LYS B 262 0.80 -10.78 9.08
N ALA B 263 1.55 -11.19 8.06
CA ALA B 263 0.94 -11.64 6.82
C ALA B 263 0.06 -12.88 7.07
N VAL B 264 0.44 -13.69 8.05
CA VAL B 264 -0.36 -14.87 8.39
C VAL B 264 -1.68 -14.40 8.97
N LEU B 265 -1.63 -13.36 9.78
CA LEU B 265 -2.83 -12.82 10.41
C LEU B 265 -3.77 -12.22 9.35
N TYR B 266 -3.20 -11.56 8.33
CA TYR B 266 -4.00 -10.99 7.27
C TYR B 266 -4.63 -12.09 6.42
N GLY B 267 -3.88 -13.15 6.19
CA GLY B 267 -4.40 -14.27 5.41
C GLY B 267 -5.57 -14.88 6.16
N SER B 268 -5.42 -15.04 7.47
CA SER B 268 -6.48 -15.63 8.27
C SER B 268 -7.74 -14.76 8.18
N ALA B 269 -7.55 -13.44 8.20
CA ALA B 269 -8.69 -12.52 8.12
C ALA B 269 -9.44 -12.72 6.81
N ALA B 271 -9.44 -15.35 4.81
CA ALA B 271 -10.07 -16.67 4.78
C ALA B 271 -11.38 -16.67 5.56
N SER B 272 -11.39 -15.99 6.70
CA SER B 272 -12.58 -15.95 7.56
C SER B 272 -13.79 -15.27 6.90
N PHE B 273 -13.54 -14.46 5.88
CA PHE B 273 -14.62 -13.79 5.16
C PHE B 273 -15.05 -14.65 3.98
N CYS B 274 -14.06 -15.28 3.35
CA CYS B 274 -14.32 -16.14 2.19
C CYS B 274 -15.35 -17.24 2.48
N VAL B 275 -15.27 -17.84 3.66
CA VAL B 275 -16.16 -18.95 4.05
C VAL B 275 -17.60 -18.56 4.35
N GLU B 276 -17.87 -17.27 4.44
CA GLU B 276 -19.21 -16.79 4.76
C GLU B 276 -20.29 -16.96 3.69
N GLN B 277 -19.87 -17.22 2.46
CA GLN B 277 -20.80 -17.40 1.34
C GLN B 277 -20.25 -18.36 0.30
N PHE B 278 -21.13 -18.82 -0.59
CA PHE B 278 -20.73 -19.72 -1.67
C PHE B 278 -19.83 -18.95 -2.63
N GLY B 279 -18.82 -19.62 -3.17
CA GLY B 279 -17.92 -18.98 -4.11
C GLY B 279 -17.12 -17.86 -3.47
N PRO B 280 -16.57 -16.94 -4.27
CA PRO B 280 -15.78 -15.82 -3.76
C PRO B 280 -16.64 -14.57 -3.62
N TYR B 281 -17.95 -14.76 -3.61
CA TYR B 281 -18.86 -13.62 -3.59
C TYR B 281 -18.97 -12.74 -2.35
N ARG B 282 -18.41 -13.18 -1.22
CA ARG B 282 -18.42 -12.32 -0.04
C ARG B 282 -17.59 -11.08 -0.37
N TYR B 283 -16.67 -11.23 -1.32
CA TYR B 283 -15.80 -10.12 -1.70
C TYR B 283 -16.47 -9.06 -2.58
N ASN B 284 -17.73 -9.26 -2.92
CA ASN B 284 -18.44 -8.29 -3.73
C ASN B 284 -18.65 -7.01 -2.95
N ASP B 285 -18.92 -7.13 -1.65
CA ASP B 285 -19.18 -5.96 -0.81
C ASP B 285 -18.14 -5.72 0.29
N LEU B 286 -17.25 -6.69 0.51
CA LEU B 286 -16.24 -6.57 1.55
C LEU B 286 -15.35 -5.35 1.34
N ASP B 287 -15.27 -4.48 2.33
CA ASP B 287 -14.43 -3.29 2.22
C ASP B 287 -13.20 -3.38 3.12
N LEU B 288 -12.18 -2.60 2.81
CA LEU B 288 -10.92 -2.61 3.54
C LEU B 288 -10.99 -2.44 5.06
N LEU B 289 -11.93 -1.64 5.56
CA LEU B 289 -12.02 -1.43 7.00
C LEU B 289 -12.54 -2.68 7.71
N GLU B 290 -13.40 -3.45 7.04
CA GLU B 290 -13.90 -4.69 7.64
C GLU B 290 -12.70 -5.64 7.77
N VAL B 291 -11.88 -5.67 6.73
CA VAL B 291 -10.69 -6.52 6.72
C VAL B 291 -9.72 -6.12 7.83
N ASP B 292 -9.51 -4.80 7.98
CA ASP B 292 -8.61 -4.29 9.01
C ASP B 292 -9.14 -4.69 10.39
N ASP B 293 -10.44 -4.54 10.62
CA ASP B 293 -11.02 -4.91 11.91
C ASP B 293 -10.89 -6.41 12.18
N ARG B 294 -11.07 -7.23 11.15
CA ARG B 294 -10.98 -8.68 11.32
C ARG B 294 -9.53 -9.02 11.65
N TYR B 295 -8.61 -8.32 11.02
CA TYR B 295 -7.18 -8.50 11.25
C TYR B 295 -6.85 -8.16 12.70
N GLN B 296 -7.37 -7.04 13.20
CA GLN B 296 -7.08 -6.64 14.57
C GLN B 296 -7.52 -7.72 15.56
N SER B 297 -8.66 -8.35 15.29
CA SER B 297 -9.15 -9.41 16.19
C SER B 297 -8.18 -10.58 16.23
N PHE B 298 -7.73 -11.00 15.05
CA PHE B 298 -6.78 -12.10 14.94
C PHE B 298 -5.46 -11.73 15.62
N LEU B 299 -5.08 -10.46 15.51
CA LEU B 299 -3.85 -9.98 16.12
C LEU B 299 -3.94 -10.13 17.65
N GLU B 300 -5.03 -9.63 18.22
CA GLU B 300 -5.24 -9.69 19.66
C GLU B 300 -5.29 -11.13 20.17
N LEU B 301 -5.95 -12.00 19.41
CA LEU B 301 -6.03 -13.41 19.77
C LEU B 301 -4.64 -14.05 19.80
#